data_7WBI
#
_entry.id   7WBI
#
_cell.length_a   47.955
_cell.length_b   76.148
_cell.length_c   102.911
_cell.angle_alpha   90.000
_cell.angle_beta   90.000
_cell.angle_gamma   90.000
#
_symmetry.space_group_name_H-M   'P 21 21 21'
#
loop_
_entity.id
_entity.type
_entity.pdbx_description
1 polymer 'MHC class I alpha chain 2'
2 polymer Beta-2-microglobulin
3 polymer ILE-ARG-HIS-GLU-ASN-ARG-MET-VAL-LEU
4 water water
#
loop_
_entity_poly.entity_id
_entity_poly.type
_entity_poly.pdbx_seq_one_letter_code
_entity_poly.pdbx_strand_id
1 'polypeptide(L)'
;ELHTLRYISTAMTDPGPGQPWFVDVGYVDGELFTHYNSTARRAVPRTEWIAANTDQQYWDSETQTSQRSEQIDRDGLGIL
QRRYNQTGGSHTVQWMYGCDILEDGTIRGYRQYAYDGRDFIAFDKGTMTFTAAVPEAVPTKRKWEEGDYAEGLKQYLEET
CVEWLRRYVEYGKAELGRRERPEVRVWGKEADGILTLSCRAHGFYPRPIAVSWLKDGAVRGQDAQSGGIVPNGDGTYHTW
VTIDAQPGDGDKYQCRVEHASLPQPGLYSW
;
A
2 'polypeptide(L)'
;DLTPKVQVYSRFPASAGTKNVLNCFAAGFHPPKISITLMKDGVPMEGAQYSDMSFNDDWTFQRLVHADFTPSSGSTYACK
VEHETLKEPQVYKWDPEF
;
B
3 'polypeptide(L)' IRHENRMVL C
#
# COMPACT_ATOMS: atom_id res chain seq x y z
N LEU A 2 -14.01 10.23 -5.18
CA LEU A 2 -14.03 11.34 -4.24
C LEU A 2 -13.75 10.89 -2.80
N HIS A 3 -14.47 9.88 -2.31
CA HIS A 3 -14.15 9.31 -1.01
C HIS A 3 -14.30 7.79 -1.08
N THR A 4 -13.48 7.09 -0.29
CA THR A 4 -13.47 5.64 -0.28
C THR A 4 -13.28 5.11 1.13
N LEU A 5 -13.98 4.03 1.44
CA LEU A 5 -13.76 3.25 2.65
C LEU A 5 -13.43 1.83 2.18
N ARG A 6 -12.26 1.34 2.57
CA ARG A 6 -11.85 -0.02 2.17
C ARG A 6 -11.33 -0.76 3.39
N TYR A 7 -11.83 -1.98 3.59
CA TYR A 7 -11.30 -2.90 4.57
C TYR A 7 -10.71 -4.11 3.85
N ILE A 8 -9.52 -4.54 4.28
CA ILE A 8 -8.88 -5.70 3.67
C ILE A 8 -8.37 -6.61 4.77
N SER A 9 -8.14 -7.88 4.43
CA SER A 9 -7.47 -8.74 5.38
C SER A 9 -6.67 -9.78 4.62
N THR A 10 -5.64 -10.29 5.30
CA THR A 10 -4.78 -11.37 4.80
C THR A 10 -4.74 -12.46 5.85
N ALA A 11 -4.98 -13.70 5.42
CA ALA A 11 -4.79 -14.88 6.26
C ALA A 11 -3.71 -15.73 5.61
N MET A 12 -2.68 -16.09 6.38
CA MET A 12 -1.49 -16.77 5.86
C MET A 12 -1.26 -18.07 6.61
N THR A 13 -0.88 -19.13 5.87
CA THR A 13 -0.33 -20.31 6.53
C THR A 13 1.13 -20.13 6.93
N ASP A 14 1.86 -19.21 6.28
CA ASP A 14 3.29 -19.05 6.48
C ASP A 14 3.65 -17.57 6.57
N PRO A 15 3.29 -16.90 7.67
CA PRO A 15 3.62 -15.46 7.78
C PRO A 15 5.08 -15.20 8.08
N GLY A 16 5.83 -16.20 8.52
CA GLY A 16 7.20 -15.98 8.95
C GLY A 16 7.32 -15.97 10.46
N PRO A 17 8.52 -16.26 10.96
CA PRO A 17 8.72 -16.42 12.40
C PRO A 17 8.32 -15.17 13.18
N GLY A 18 7.55 -15.36 14.24
CA GLY A 18 7.11 -14.24 15.05
C GLY A 18 6.13 -13.30 14.39
N GLN A 19 5.64 -13.62 13.14
CA GLN A 19 4.73 -12.68 12.50
C GLN A 19 3.29 -13.16 12.61
N PRO A 20 2.32 -12.24 12.64
CA PRO A 20 0.91 -12.65 12.75
C PRO A 20 0.39 -13.26 11.45
N TRP A 21 -0.41 -14.34 11.59
CA TRP A 21 -0.91 -15.01 10.39
C TRP A 21 -2.16 -14.32 9.83
N PHE A 22 -2.85 -13.50 10.62
CA PHE A 22 -4.05 -12.79 10.19
C PHE A 22 -3.86 -11.30 10.44
N VAL A 23 -4.02 -10.49 9.40
CA VAL A 23 -3.84 -9.04 9.50
C VAL A 23 -4.98 -8.36 8.78
N ASP A 24 -5.69 -7.47 9.47
CA ASP A 24 -6.82 -6.76 8.89
C ASP A 24 -6.58 -5.27 9.10
N VAL A 25 -6.77 -4.49 8.04
CA VAL A 25 -6.52 -3.05 8.06
C VAL A 25 -7.60 -2.35 7.25
N GLY A 26 -7.89 -1.11 7.64
CA GLY A 26 -8.93 -0.34 6.98
C GLY A 26 -8.36 1.00 6.57
N TYR A 27 -8.90 1.53 5.46
CA TYR A 27 -8.40 2.75 4.85
C TYR A 27 -9.55 3.69 4.52
N VAL A 28 -9.37 4.96 4.83
CA VAL A 28 -10.28 6.03 4.40
C VAL A 28 -9.49 6.94 3.47
N ASP A 29 -10.02 7.12 2.26
CA ASP A 29 -9.36 7.94 1.22
C ASP A 29 -7.91 7.54 1.07
N GLY A 30 -7.65 6.24 1.15
CA GLY A 30 -6.30 5.68 1.00
C GLY A 30 -5.41 5.77 2.23
N GLU A 31 -5.89 6.31 3.34
CA GLU A 31 -5.10 6.48 4.55
C GLU A 31 -5.47 5.40 5.56
N LEU A 32 -4.46 4.70 6.06
CA LEU A 32 -4.69 3.68 7.08
C LEU A 32 -5.27 4.30 8.33
N PHE A 33 -6.44 3.83 8.78
CA PHE A 33 -7.01 4.35 10.02
C PHE A 33 -7.37 3.30 11.06
N THR A 34 -7.23 2.01 10.77
CA THR A 34 -7.50 1.02 11.78
C THR A 34 -6.78 -0.28 11.42
N HIS A 35 -6.49 -1.07 12.45
CA HIS A 35 -5.67 -2.27 12.30
C HIS A 35 -6.08 -3.31 13.34
N TYR A 36 -6.00 -4.59 12.94
CA TYR A 36 -6.20 -5.72 13.84
C TYR A 36 -5.26 -6.84 13.39
N ASN A 37 -4.72 -7.61 14.34
CA ASN A 37 -4.08 -8.85 13.92
C ASN A 37 -4.29 -9.94 14.95
N SER A 38 -3.93 -11.15 14.56
CA SER A 38 -4.19 -12.35 15.35
C SER A 38 -3.24 -12.47 16.54
N THR A 39 -2.28 -11.58 16.68
CA THR A 39 -1.39 -11.63 17.83
C THR A 39 -1.89 -10.73 18.94
N ALA A 40 -2.08 -9.44 18.65
CA ALA A 40 -2.62 -8.55 19.68
C ALA A 40 -4.11 -8.79 19.89
N ARG A 41 -4.83 -9.20 18.86
CA ARG A 41 -6.26 -9.55 18.95
C ARG A 41 -7.12 -8.38 19.44
N ARG A 42 -6.71 -7.17 19.10
CA ARG A 42 -7.52 -5.97 19.32
C ARG A 42 -7.54 -5.13 18.06
N ALA A 43 -8.73 -4.63 17.71
CA ALA A 43 -8.85 -3.61 16.67
C ALA A 43 -8.53 -2.26 17.27
N VAL A 44 -7.66 -1.49 16.62
CA VAL A 44 -7.15 -0.27 17.23
C VAL A 44 -7.24 0.88 16.22
N PRO A 45 -7.26 2.12 16.72
CA PRO A 45 -7.16 3.27 15.83
C PRO A 45 -5.74 3.48 15.33
N ARG A 46 -5.63 4.01 14.11
CA ARG A 46 -4.32 4.33 13.56
C ARG A 46 -4.18 5.77 13.09
N THR A 47 -5.18 6.62 13.29
CA THR A 47 -5.04 8.05 13.11
C THR A 47 -5.53 8.74 14.36
N GLU A 48 -5.03 9.97 14.59
CA GLU A 48 -5.57 10.73 15.70
C GLU A 48 -7.04 11.11 15.48
N TRP A 49 -7.44 11.32 14.22
CA TRP A 49 -8.80 11.79 14.00
C TRP A 49 -9.83 10.68 14.23
N ILE A 50 -9.48 9.41 14.02
CA ILE A 50 -10.46 8.38 14.38
C ILE A 50 -10.47 8.16 15.90
N ALA A 51 -9.30 8.20 16.54
CA ALA A 51 -9.23 8.03 17.99
C ALA A 51 -10.04 9.12 18.71
N ALA A 52 -9.95 10.36 18.24
CA ALA A 52 -10.59 11.47 18.95
C ALA A 52 -12.10 11.44 18.83
N ASN A 53 -12.63 10.66 17.87
CA ASN A 53 -14.05 10.70 17.55
C ASN A 53 -14.74 9.35 17.76
N THR A 54 -14.10 8.43 18.48
CA THR A 54 -14.67 7.14 18.80
C THR A 54 -14.50 6.87 20.30
N ASP A 55 -15.24 5.90 20.81
CA ASP A 55 -15.17 5.56 22.22
C ASP A 55 -14.81 4.09 22.38
N GLN A 56 -14.74 3.64 23.64
CA GLN A 56 -14.32 2.28 23.91
C GLN A 56 -15.29 1.28 23.31
N GLN A 57 -16.59 1.59 23.34
CA GLN A 57 -17.58 0.69 22.76
C GLN A 57 -17.34 0.50 21.27
N TYR A 58 -16.93 1.58 20.58
CA TYR A 58 -16.65 1.47 19.16
C TYR A 58 -15.54 0.43 18.92
N TRP A 59 -14.48 0.50 19.70
CA TRP A 59 -13.35 -0.40 19.48
C TRP A 59 -13.64 -1.80 19.98
N ASP A 60 -14.45 -1.93 21.03
CA ASP A 60 -14.89 -3.27 21.45
C ASP A 60 -15.70 -3.95 20.35
N SER A 61 -16.59 -3.19 19.70
CA SER A 61 -17.37 -3.73 18.58
C SER A 61 -16.48 -4.07 17.39
N GLU A 62 -15.54 -3.19 17.04
CA GLU A 62 -14.63 -3.50 15.93
C GLU A 62 -13.83 -4.75 16.24
N THR A 63 -13.39 -4.89 17.50
CA THR A 63 -12.61 -6.06 17.89
C THR A 63 -13.44 -7.34 17.77
N GLN A 64 -14.68 -7.28 18.24
CA GLN A 64 -15.56 -8.45 18.10
C GLN A 64 -15.71 -8.86 16.64
N THR A 65 -15.91 -7.89 15.75
CA THR A 65 -16.04 -8.19 14.33
C THR A 65 -14.78 -8.84 13.79
N SER A 66 -13.62 -8.27 14.12
CA SER A 66 -12.36 -8.81 13.62
C SER A 66 -12.08 -10.21 14.15
N GLN A 67 -12.39 -10.46 15.43
CA GLN A 67 -12.18 -11.80 15.98
C GLN A 67 -13.07 -12.83 15.30
N ARG A 68 -14.27 -12.43 14.90
CA ARG A 68 -15.12 -13.33 14.13
C ARG A 68 -14.53 -13.58 12.75
N SER A 69 -14.07 -12.51 12.09
CA SER A 69 -13.42 -12.67 10.78
C SER A 69 -12.21 -13.59 10.90
N GLU A 70 -11.43 -13.44 11.99
CA GLU A 70 -10.25 -14.28 12.17
C GLU A 70 -10.63 -15.76 12.26
N GLN A 71 -11.68 -16.09 13.02
CA GLN A 71 -11.98 -17.52 13.16
C GLN A 71 -12.54 -18.10 11.87
N ILE A 72 -13.25 -17.28 11.08
CA ILE A 72 -13.76 -17.74 9.79
C ILE A 72 -12.62 -17.98 8.82
N ASP A 73 -11.64 -17.06 8.76
CA ASP A 73 -10.54 -17.23 7.83
C ASP A 73 -9.53 -18.26 8.31
N ARG A 74 -9.42 -18.46 9.62
CA ARG A 74 -8.58 -19.56 10.12
C ARG A 74 -9.05 -20.87 9.51
N ASP A 75 -10.35 -21.12 9.54
CA ASP A 75 -10.86 -22.35 8.94
C ASP A 75 -10.85 -22.28 7.42
N GLY A 76 -11.04 -21.09 6.86
CA GLY A 76 -11.01 -20.94 5.42
C GLY A 76 -9.72 -21.42 4.79
N LEU A 77 -8.59 -21.23 5.48
CA LEU A 77 -7.31 -21.72 4.97
C LEU A 77 -7.34 -23.23 4.74
N GLY A 78 -7.88 -23.99 5.70
CA GLY A 78 -8.00 -25.42 5.50
C GLY A 78 -9.04 -25.79 4.46
N ILE A 79 -10.16 -25.06 4.44
CA ILE A 79 -11.25 -25.36 3.50
C ILE A 79 -10.76 -25.25 2.06
N LEU A 80 -10.03 -24.17 1.74
CA LEU A 80 -9.63 -24.02 0.36
C LEU A 80 -8.44 -24.92 0.00
N GLN A 81 -7.55 -25.22 0.95
CA GLN A 81 -6.54 -26.23 0.65
C GLN A 81 -7.20 -27.54 0.23
N ARG A 82 -8.27 -27.94 0.91
CA ARG A 82 -8.97 -29.16 0.53
C ARG A 82 -9.72 -29.00 -0.78
N ARG A 83 -10.38 -27.84 -0.98
CA ARG A 83 -11.06 -27.56 -2.24
C ARG A 83 -10.11 -27.72 -3.44
N TYR A 84 -8.83 -27.36 -3.27
CA TYR A 84 -7.85 -27.39 -4.36
C TYR A 84 -7.00 -28.64 -4.34
N ASN A 85 -7.32 -29.60 -3.47
CA ASN A 85 -6.57 -30.86 -3.34
C ASN A 85 -5.09 -30.62 -3.07
N GLN A 86 -4.82 -29.66 -2.19
CA GLN A 86 -3.46 -29.35 -1.79
C GLN A 86 -3.14 -29.95 -0.42
N THR A 87 -1.87 -30.31 -0.23
CA THR A 87 -1.30 -30.68 1.05
C THR A 87 -0.41 -29.54 1.52
N GLY A 88 -0.74 -28.95 2.66
CA GLY A 88 0.12 -27.97 3.29
C GLY A 88 0.75 -26.94 2.36
N GLY A 89 1.95 -26.47 2.67
CA GLY A 89 2.60 -25.47 1.86
C GLY A 89 2.15 -24.08 2.24
N SER A 90 2.58 -23.11 1.43
CA SER A 90 2.32 -21.71 1.69
C SER A 90 1.07 -21.27 0.92
N HIS A 91 0.06 -20.80 1.65
CA HIS A 91 -1.21 -20.40 1.02
C HIS A 91 -1.76 -19.17 1.72
N THR A 92 -2.56 -18.39 0.99
CA THR A 92 -3.13 -17.16 1.52
C THR A 92 -4.58 -17.03 1.13
N VAL A 93 -5.36 -16.42 2.02
CA VAL A 93 -6.71 -15.99 1.69
C VAL A 93 -6.75 -14.48 1.92
N GLN A 94 -7.24 -13.75 0.91
CA GLN A 94 -7.37 -12.30 1.01
C GLN A 94 -8.80 -11.91 0.70
N TRP A 95 -9.29 -10.88 1.38
CA TRP A 95 -10.49 -10.25 0.86
C TRP A 95 -10.37 -8.74 1.00
N MET A 96 -11.19 -8.05 0.20
CA MET A 96 -11.28 -6.61 0.27
C MET A 96 -12.74 -6.26 0.04
N TYR A 97 -13.22 -5.27 0.77
CA TYR A 97 -14.59 -4.84 0.60
C TYR A 97 -14.67 -3.37 0.99
N GLY A 98 -15.74 -2.72 0.58
CA GLY A 98 -15.89 -1.32 0.92
C GLY A 98 -16.83 -0.63 -0.04
N CYS A 99 -16.78 0.70 0.02
CA CYS A 99 -17.71 1.54 -0.73
C CYS A 99 -16.99 2.79 -1.20
N ASP A 100 -17.39 3.26 -2.37
CA ASP A 100 -16.82 4.45 -2.98
C ASP A 100 -17.94 5.46 -3.15
N ILE A 101 -17.68 6.71 -2.79
CA ILE A 101 -18.54 7.82 -3.13
C ILE A 101 -17.86 8.56 -4.27
N LEU A 102 -18.47 8.53 -5.45
CA LEU A 102 -17.88 9.12 -6.63
C LEU A 102 -18.24 10.60 -6.69
N GLU A 103 -17.67 11.31 -7.65
CA GLU A 103 -17.72 12.77 -7.59
C GLU A 103 -19.12 13.29 -7.87
N ASP A 104 -19.86 12.65 -8.79
CA ASP A 104 -21.22 13.06 -9.08
C ASP A 104 -22.20 12.66 -7.98
N GLY A 105 -21.82 11.78 -7.07
CA GLY A 105 -22.69 11.34 -5.99
C GLY A 105 -23.16 9.91 -6.08
N THR A 106 -22.76 9.16 -7.11
CA THR A 106 -23.11 7.75 -7.17
C THR A 106 -22.26 6.95 -6.18
N ILE A 107 -22.78 5.80 -5.78
CA ILE A 107 -22.15 4.95 -4.79
C ILE A 107 -21.80 3.61 -5.43
N ARG A 108 -20.62 3.09 -5.13
CA ARG A 108 -20.27 1.74 -5.51
C ARG A 108 -19.95 0.95 -4.25
N GLY A 109 -20.24 -0.35 -4.30
CA GLY A 109 -19.85 -1.24 -3.22
C GLY A 109 -19.33 -2.55 -3.78
N TYR A 110 -18.42 -3.18 -3.03
CA TYR A 110 -17.78 -4.38 -3.52
C TYR A 110 -17.36 -5.26 -2.34
N ARG A 111 -17.24 -6.55 -2.61
CA ARG A 111 -16.65 -7.51 -1.69
C ARG A 111 -16.08 -8.64 -2.52
N GLN A 112 -14.76 -8.83 -2.46
CA GLN A 112 -14.13 -9.84 -3.30
C GLN A 112 -13.04 -10.58 -2.54
N TYR A 113 -12.73 -11.77 -3.03
CA TYR A 113 -11.81 -12.70 -2.41
C TYR A 113 -10.75 -13.14 -3.40
N ALA A 114 -9.56 -13.44 -2.89
CA ALA A 114 -8.53 -14.11 -3.66
C ALA A 114 -7.92 -15.23 -2.83
N TYR A 115 -7.57 -16.33 -3.51
CA TYR A 115 -6.86 -17.46 -2.92
C TYR A 115 -5.53 -17.59 -3.63
N ASP A 116 -4.46 -17.64 -2.83
CA ASP A 116 -3.10 -17.68 -3.36
C ASP A 116 -2.87 -16.53 -4.35
N GLY A 117 -3.45 -15.38 -4.06
CA GLY A 117 -3.26 -14.17 -4.84
C GLY A 117 -4.01 -14.07 -6.14
N ARG A 118 -4.96 -14.96 -6.39
CA ARG A 118 -5.70 -14.95 -7.63
C ARG A 118 -7.19 -14.92 -7.34
N ASP A 119 -7.94 -14.22 -8.19
CA ASP A 119 -9.37 -14.02 -7.98
C ASP A 119 -10.06 -15.34 -7.71
N PHE A 120 -10.93 -15.33 -6.70
CA PHE A 120 -11.71 -16.51 -6.32
C PHE A 120 -13.20 -16.28 -6.41
N ILE A 121 -13.74 -15.25 -5.76
CA ILE A 121 -15.17 -14.95 -5.85
C ILE A 121 -15.38 -13.48 -5.50
N ALA A 122 -16.47 -12.91 -6.03
CA ALA A 122 -16.80 -11.52 -5.81
C ALA A 122 -18.31 -11.34 -5.79
N PHE A 123 -18.78 -10.40 -4.98
CA PHE A 123 -20.20 -10.06 -4.96
C PHE A 123 -20.61 -9.31 -6.21
N ASP A 124 -21.72 -9.72 -6.81
CA ASP A 124 -22.35 -8.94 -7.89
C ASP A 124 -23.62 -8.34 -7.27
N LYS A 125 -23.48 -7.13 -6.70
CA LYS A 125 -24.58 -6.55 -5.94
C LYS A 125 -25.80 -6.31 -6.82
N GLY A 126 -25.59 -5.98 -8.10
CA GLY A 126 -26.70 -5.62 -8.97
C GLY A 126 -27.64 -6.77 -9.29
N THR A 127 -27.15 -8.00 -9.26
CA THR A 127 -28.00 -9.17 -9.44
C THR A 127 -28.18 -9.97 -8.16
N MET A 128 -27.57 -9.53 -7.06
CA MET A 128 -27.65 -10.22 -5.77
C MET A 128 -27.16 -11.66 -5.89
N THR A 129 -26.06 -11.87 -6.60
CA THR A 129 -25.42 -13.16 -6.75
C THR A 129 -23.93 -13.02 -6.45
N PHE A 130 -23.26 -14.16 -6.32
CA PHE A 130 -21.82 -14.19 -6.09
C PHE A 130 -21.15 -14.80 -7.31
N THR A 131 -20.20 -14.06 -7.88
CA THR A 131 -19.58 -14.41 -9.16
C THR A 131 -18.35 -15.28 -8.91
N ALA A 132 -18.43 -16.54 -9.29
CA ALA A 132 -17.28 -17.43 -9.13
C ALA A 132 -16.26 -17.14 -10.22
N ALA A 133 -15.01 -16.94 -9.82
CA ALA A 133 -13.95 -16.70 -10.79
C ALA A 133 -13.30 -17.97 -11.26
N VAL A 134 -13.46 -19.06 -10.51
CA VAL A 134 -12.83 -20.35 -10.80
C VAL A 134 -13.83 -21.45 -10.43
N PRO A 135 -13.67 -22.62 -11.04
CA PRO A 135 -14.54 -23.76 -10.66
C PRO A 135 -14.54 -24.05 -9.16
N GLU A 136 -13.40 -23.87 -8.50
CA GLU A 136 -13.30 -24.13 -7.07
C GLU A 136 -14.19 -23.22 -6.23
N ALA A 137 -14.65 -22.09 -6.77
CA ALA A 137 -15.50 -21.18 -6.03
C ALA A 137 -17.00 -21.49 -6.18
N VAL A 138 -17.36 -22.40 -7.09
CA VAL A 138 -18.78 -22.70 -7.28
C VAL A 138 -19.43 -23.24 -6.01
N PRO A 139 -18.82 -24.16 -5.25
CA PRO A 139 -19.47 -24.58 -3.99
C PRO A 139 -19.68 -23.43 -3.02
N THR A 140 -18.75 -22.48 -2.97
CA THR A 140 -18.93 -21.30 -2.12
C THR A 140 -20.09 -20.43 -2.63
N LYS A 141 -20.08 -20.12 -3.93
CA LYS A 141 -21.19 -19.37 -4.53
C LYS A 141 -22.53 -20.00 -4.18
N ARG A 142 -22.63 -21.31 -4.33
CA ARG A 142 -23.90 -22.00 -4.12
C ARG A 142 -24.37 -21.86 -2.68
N LYS A 143 -23.45 -22.03 -1.72
CA LYS A 143 -23.80 -21.93 -0.31
C LYS A 143 -24.23 -20.50 0.05
N TRP A 144 -23.50 -19.50 -0.43
CA TRP A 144 -23.84 -18.13 -0.08
C TRP A 144 -25.13 -17.67 -0.74
N GLU A 145 -25.44 -18.21 -1.91
CA GLU A 145 -26.67 -17.81 -2.59
C GLU A 145 -27.88 -18.52 -1.99
N GLU A 146 -27.76 -19.79 -1.64
CA GLU A 146 -28.88 -20.45 -0.96
C GLU A 146 -29.11 -19.86 0.44
N GLY A 147 -28.05 -19.37 1.09
CA GLY A 147 -28.15 -18.85 2.43
C GLY A 147 -28.58 -17.40 2.55
N ASP A 148 -28.87 -16.73 1.43
CA ASP A 148 -29.41 -15.37 1.44
C ASP A 148 -28.50 -14.39 2.19
N TYR A 149 -27.19 -14.60 2.09
CA TYR A 149 -26.24 -13.63 2.64
C TYR A 149 -26.21 -12.33 1.85
N ALA A 150 -26.67 -12.35 0.60
CA ALA A 150 -26.63 -11.15 -0.23
C ALA A 150 -27.43 -10.01 0.39
N GLU A 151 -28.54 -10.32 1.06
CA GLU A 151 -29.37 -9.28 1.65
C GLU A 151 -28.58 -8.42 2.64
N GLY A 152 -27.97 -9.06 3.64
CA GLY A 152 -27.18 -8.31 4.62
C GLY A 152 -25.96 -7.63 4.04
N LEU A 153 -25.33 -8.26 3.05
CA LEU A 153 -24.16 -7.64 2.41
C LEU A 153 -24.53 -6.39 1.63
N LYS A 154 -25.64 -6.45 0.90
CA LYS A 154 -26.11 -5.26 0.19
C LYS A 154 -26.43 -4.14 1.17
N GLN A 155 -27.09 -4.48 2.26
CA GLN A 155 -27.41 -3.47 3.27
C GLN A 155 -26.15 -2.85 3.86
N TYR A 156 -25.14 -3.68 4.13
CA TYR A 156 -23.91 -3.12 4.68
C TYR A 156 -23.24 -2.20 3.66
N LEU A 157 -23.16 -2.66 2.40
CA LEU A 157 -22.39 -1.90 1.41
C LEU A 157 -23.08 -0.60 1.02
N GLU A 158 -24.42 -0.59 0.93
CA GLU A 158 -25.13 0.60 0.48
C GLU A 158 -25.51 1.54 1.62
N GLU A 159 -25.71 1.03 2.83
CA GLU A 159 -26.19 1.86 3.94
C GLU A 159 -25.08 2.06 5.00
N THR A 160 -24.68 0.98 5.68
CA THR A 160 -23.75 1.10 6.80
C THR A 160 -22.41 1.66 6.35
N CYS A 161 -21.84 1.07 5.29
CA CYS A 161 -20.52 1.49 4.83
C CYS A 161 -20.52 2.97 4.46
N VAL A 162 -21.55 3.41 3.73
CA VAL A 162 -21.61 4.78 3.24
C VAL A 162 -21.83 5.75 4.38
N GLU A 163 -22.73 5.38 5.30
CA GLU A 163 -23.05 6.23 6.44
C GLU A 163 -21.82 6.46 7.30
N TRP A 164 -21.02 5.41 7.52
CA TRP A 164 -19.81 5.59 8.32
C TRP A 164 -18.70 6.28 7.52
N LEU A 165 -18.59 6.00 6.21
CA LEU A 165 -17.59 6.72 5.42
C LEU A 165 -17.80 8.23 5.48
N ARG A 166 -19.06 8.68 5.39
CA ARG A 166 -19.32 10.11 5.46
C ARG A 166 -18.90 10.69 6.81
N ARG A 167 -19.06 9.91 7.89
CA ARG A 167 -18.59 10.36 9.19
C ARG A 167 -17.07 10.43 9.23
N TYR A 168 -16.39 9.38 8.75
CA TYR A 168 -14.94 9.34 8.80
C TYR A 168 -14.33 10.51 8.03
N VAL A 169 -14.90 10.85 6.89
CA VAL A 169 -14.40 11.97 6.11
C VAL A 169 -14.57 13.29 6.86
N GLU A 170 -15.63 13.43 7.65
CA GLU A 170 -15.76 14.65 8.45
C GLU A 170 -14.78 14.64 9.62
N TYR A 171 -14.67 13.51 10.33
CA TYR A 171 -13.71 13.42 11.42
C TYR A 171 -12.30 13.80 10.95
N GLY A 172 -11.91 13.31 9.78
CA GLY A 172 -10.56 13.56 9.30
C GLY A 172 -10.42 14.67 8.29
N LYS A 173 -11.38 15.60 8.27
CA LYS A 173 -11.39 16.61 7.20
C LYS A 173 -10.10 17.41 7.17
N ALA A 174 -9.57 17.79 8.33
CA ALA A 174 -8.37 18.63 8.37
C ALA A 174 -7.16 17.88 7.82
N GLU A 175 -7.02 16.60 8.16
CA GLU A 175 -5.88 15.83 7.68
C GLU A 175 -6.09 15.38 6.24
N LEU A 176 -7.27 14.83 5.93
CA LEU A 176 -7.50 14.30 4.59
C LEU A 176 -7.55 15.40 3.54
N GLY A 177 -7.97 16.59 3.92
CA GLY A 177 -8.11 17.68 2.97
C GLY A 177 -6.90 18.58 2.88
N ARG A 178 -5.83 18.26 3.60
CA ARG A 178 -4.66 19.12 3.61
C ARG A 178 -3.91 19.00 2.28
N ARG A 179 -3.03 19.97 2.04
CA ARG A 179 -2.08 19.89 0.94
C ARG A 179 -0.68 20.11 1.51
N GLU A 180 0.26 19.24 1.16
CA GLU A 180 1.66 19.41 1.55
C GLU A 180 2.51 19.57 0.29
N ARG A 181 3.27 20.66 0.23
CA ARG A 181 4.12 20.92 -0.93
C ARG A 181 5.33 19.98 -0.92
N PRO A 182 5.68 19.40 -2.06
CA PRO A 182 6.87 18.57 -2.14
C PRO A 182 8.15 19.39 -2.06
N GLU A 183 9.23 18.71 -1.66
CA GLU A 183 10.60 19.18 -1.86
C GLU A 183 11.18 18.39 -3.02
N VAL A 184 11.67 19.09 -4.05
CA VAL A 184 12.05 18.43 -5.30
C VAL A 184 13.55 18.53 -5.48
N ARG A 185 14.18 17.42 -5.85
CA ARG A 185 15.61 17.45 -6.16
C ARG A 185 15.86 16.87 -7.53
N VAL A 186 16.60 17.60 -8.36
CA VAL A 186 17.10 17.07 -9.63
C VAL A 186 18.55 16.68 -9.42
N TRP A 187 18.91 15.49 -9.87
CA TRP A 187 20.27 15.01 -9.72
C TRP A 187 20.71 14.34 -11.03
N GLY A 188 22.02 14.31 -11.25
CA GLY A 188 22.55 13.72 -12.46
C GLY A 188 23.70 12.78 -12.16
N LYS A 189 23.79 11.72 -12.94
CA LYS A 189 24.89 10.76 -12.87
C LYS A 189 25.28 10.37 -14.28
N GLU A 190 26.57 10.38 -14.58
CA GLU A 190 27.08 9.97 -15.88
C GLU A 190 27.80 8.64 -15.76
N ALA A 191 27.49 7.71 -16.67
CA ALA A 191 28.15 6.42 -16.74
C ALA A 191 27.89 5.82 -18.12
N ASP A 192 28.90 5.13 -18.66
CA ASP A 192 28.81 4.48 -19.96
C ASP A 192 28.48 5.49 -21.06
N GLY A 193 28.93 6.73 -20.90
CA GLY A 193 28.66 7.75 -21.90
C GLY A 193 27.25 8.27 -21.92
N ILE A 194 26.49 8.07 -20.84
CA ILE A 194 25.08 8.46 -20.77
C ILE A 194 24.87 9.26 -19.50
N LEU A 195 24.22 10.41 -19.62
CA LEU A 195 23.82 11.20 -18.47
C LEU A 195 22.40 10.82 -18.11
N THR A 196 22.20 10.24 -16.95
CA THR A 196 20.87 9.94 -16.45
C THR A 196 20.47 11.03 -15.45
N LEU A 197 19.41 11.76 -15.78
CA LEU A 197 18.90 12.82 -14.92
C LEU A 197 17.75 12.25 -14.12
N SER A 198 17.75 12.52 -12.81
CA SER A 198 16.64 12.10 -11.96
C SER A 198 15.96 13.32 -11.37
N CYS A 199 14.65 13.20 -11.21
CA CYS A 199 13.86 14.21 -10.52
C CYS A 199 13.03 13.48 -9.47
N ARG A 200 13.20 13.85 -8.21
CA ARG A 200 12.48 13.22 -7.11
C ARG A 200 11.66 14.27 -6.40
N ALA A 201 10.36 14.01 -6.26
CA ALA A 201 9.46 14.83 -5.45
C ALA A 201 9.25 14.14 -4.12
N HIS A 202 9.66 14.80 -3.04
CA HIS A 202 9.60 14.25 -1.69
C HIS A 202 8.46 14.89 -0.90
N GLY A 203 7.57 14.06 -0.34
CA GLY A 203 6.67 14.52 0.69
C GLY A 203 5.43 15.26 0.25
N PHE A 204 4.86 14.92 -0.91
CA PHE A 204 3.65 15.59 -1.36
C PHE A 204 2.41 14.88 -0.85
N TYR A 205 1.34 15.65 -0.67
CA TYR A 205 0.04 15.15 -0.29
C TYR A 205 -0.95 16.17 -0.86
N PRO A 206 -2.03 15.74 -1.52
CA PRO A 206 -2.48 14.36 -1.72
C PRO A 206 -1.65 13.57 -2.73
N ARG A 207 -2.06 12.31 -2.94
CA ARG A 207 -1.27 11.39 -3.76
C ARG A 207 -1.13 11.77 -5.24
N PRO A 208 -2.15 12.28 -5.94
CA PRO A 208 -1.98 12.47 -7.39
C PRO A 208 -0.92 13.51 -7.69
N ILE A 209 -0.09 13.22 -8.69
CA ILE A 209 0.98 14.12 -9.08
C ILE A 209 1.35 13.81 -10.53
N ALA A 210 1.85 14.83 -11.23
CA ALA A 210 2.41 14.66 -12.57
C ALA A 210 3.81 15.25 -12.58
N VAL A 211 4.80 14.40 -12.86
CA VAL A 211 6.21 14.81 -12.91
C VAL A 211 6.73 14.48 -14.29
N SER A 212 7.23 15.50 -14.99
CA SER A 212 7.61 15.36 -16.39
C SER A 212 8.97 15.98 -16.62
N TRP A 213 9.68 15.45 -17.62
CA TRP A 213 10.94 16.01 -18.05
C TRP A 213 10.71 16.86 -19.30
N LEU A 214 11.31 18.04 -19.32
CA LEU A 214 11.22 18.95 -20.46
C LEU A 214 12.61 19.13 -21.03
N LYS A 215 12.72 19.20 -22.36
CA LYS A 215 13.98 19.47 -23.02
C LYS A 215 13.78 20.68 -23.93
N ASP A 216 14.62 21.70 -23.77
CA ASP A 216 14.46 22.99 -24.45
C ASP A 216 13.00 23.47 -24.41
N GLY A 217 12.33 23.23 -23.28
CA GLY A 217 10.98 23.69 -23.06
C GLY A 217 9.88 22.70 -23.44
N ALA A 218 10.19 21.72 -24.28
CA ALA A 218 9.20 20.77 -24.77
C ALA A 218 9.24 19.48 -23.98
N VAL A 219 8.06 18.91 -23.75
CA VAL A 219 7.95 17.67 -22.99
C VAL A 219 8.66 16.53 -23.72
N ARG A 220 9.25 15.62 -22.95
CA ARG A 220 10.01 14.51 -23.52
C ARG A 220 9.79 13.24 -22.71
N GLY A 221 9.43 12.16 -23.40
CA GLY A 221 9.17 10.89 -22.73
C GLY A 221 10.05 9.77 -23.27
N GLN A 222 10.79 10.06 -24.34
CA GLN A 222 11.69 9.08 -24.92
C GLN A 222 12.80 8.73 -23.94
N ASP A 223 12.93 7.43 -23.63
CA ASP A 223 13.90 6.92 -22.67
C ASP A 223 13.71 7.54 -21.28
N ALA A 224 12.47 7.90 -20.95
CA ALA A 224 12.09 8.32 -19.61
C ALA A 224 11.48 7.14 -18.86
N GLN A 225 11.74 7.10 -17.54
CA GLN A 225 11.23 6.03 -16.70
C GLN A 225 10.74 6.62 -15.40
N SER A 226 9.76 5.96 -14.80
CA SER A 226 9.13 6.44 -13.58
C SER A 226 9.02 5.30 -12.59
N GLY A 227 9.29 5.60 -11.33
CA GLY A 227 9.09 4.62 -10.28
C GLY A 227 7.69 4.63 -9.70
N GLY A 228 6.77 5.39 -10.28
CA GLY A 228 5.43 5.44 -9.70
C GLY A 228 5.44 6.19 -8.37
N ILE A 229 4.30 6.11 -7.68
CA ILE A 229 4.13 6.82 -6.42
C ILE A 229 4.27 5.83 -5.27
N VAL A 230 5.13 6.16 -4.32
CA VAL A 230 5.48 5.26 -3.21
C VAL A 230 5.34 6.04 -1.91
N PRO A 231 5.08 5.37 -0.79
CA PRO A 231 4.70 6.09 0.44
C PRO A 231 5.88 6.46 1.32
N ASN A 232 5.69 7.51 2.10
CA ASN A 232 6.57 7.83 3.22
C ASN A 232 5.92 7.33 4.51
N GLY A 233 6.73 7.29 5.57
CA GLY A 233 6.22 6.84 6.86
C GLY A 233 5.10 7.71 7.43
N ASP A 234 5.01 8.96 7.00
CA ASP A 234 4.13 9.95 7.62
C ASP A 234 2.86 10.24 6.82
N GLY A 235 2.48 9.36 5.90
CA GLY A 235 1.28 9.59 5.11
C GLY A 235 1.46 10.46 3.87
N THR A 236 2.62 11.08 3.67
CA THR A 236 2.92 11.74 2.41
C THR A 236 3.53 10.76 1.43
N TYR A 237 3.82 11.25 0.22
CA TYR A 237 4.20 10.39 -0.89
C TYR A 237 5.48 10.87 -1.54
N HIS A 238 6.01 10.01 -2.42
CA HIS A 238 7.31 10.19 -3.05
C HIS A 238 7.21 9.67 -4.47
N THR A 239 7.94 10.30 -5.40
CA THR A 239 8.05 9.74 -6.74
C THR A 239 9.35 10.22 -7.38
N TRP A 240 9.90 9.37 -8.25
CA TRP A 240 11.08 9.74 -9.03
C TRP A 240 10.84 9.42 -10.49
N VAL A 241 11.44 10.24 -11.34
CA VAL A 241 11.39 10.05 -12.79
C VAL A 241 12.80 10.28 -13.30
N THR A 242 13.26 9.44 -14.23
CA THR A 242 14.56 9.61 -14.84
C THR A 242 14.42 9.79 -16.34
N ILE A 243 15.46 10.38 -16.93
CA ILE A 243 15.58 10.46 -18.37
C ILE A 243 17.06 10.35 -18.73
N ASP A 244 17.35 9.70 -19.86
CA ASP A 244 18.71 9.56 -20.34
C ASP A 244 19.01 10.69 -21.30
N ALA A 245 20.16 11.34 -21.12
CA ALA A 245 20.55 12.45 -21.97
C ALA A 245 21.99 12.25 -22.42
N GLN A 246 22.42 13.10 -23.37
CA GLN A 246 23.82 13.14 -23.76
C GLN A 246 24.62 13.89 -22.69
N PRO A 247 25.82 13.41 -22.34
CA PRO A 247 26.71 14.21 -21.49
C PRO A 247 26.83 15.61 -22.07
N GLY A 248 26.85 16.61 -21.18
CA GLY A 248 26.92 17.99 -21.59
C GLY A 248 25.59 18.64 -21.93
N ASP A 249 24.49 17.88 -21.96
CA ASP A 249 23.18 18.44 -22.29
C ASP A 249 22.32 18.72 -21.07
N GLY A 250 22.90 18.70 -19.86
CA GLY A 250 22.10 18.84 -18.66
C GLY A 250 21.37 20.17 -18.54
N ASP A 251 21.96 21.25 -19.05
CA ASP A 251 21.35 22.57 -18.95
C ASP A 251 20.06 22.68 -19.76
N LYS A 252 19.84 21.80 -20.71
CA LYS A 252 18.68 21.87 -21.58
C LYS A 252 17.45 21.20 -20.99
N TYR A 253 17.57 20.57 -19.81
CA TYR A 253 16.48 19.82 -19.22
C TYR A 253 15.92 20.50 -17.98
N GLN A 254 14.59 20.44 -17.83
CA GLN A 254 13.90 20.89 -16.63
C GLN A 254 12.93 19.80 -16.20
N CYS A 255 12.76 19.67 -14.89
CA CYS A 255 11.74 18.82 -14.32
C CYS A 255 10.53 19.68 -13.98
N ARG A 256 9.35 19.25 -14.43
CA ARG A 256 8.10 19.94 -14.15
C ARG A 256 7.25 19.13 -13.19
N VAL A 257 6.74 19.77 -12.14
CA VAL A 257 5.94 19.10 -11.14
C VAL A 257 4.57 19.77 -11.09
N GLU A 258 3.53 19.01 -11.38
CA GLU A 258 2.16 19.48 -11.25
C GLU A 258 1.53 18.80 -10.06
N HIS A 259 1.05 19.59 -9.09
CA HIS A 259 0.50 19.03 -7.87
C HIS A 259 -0.50 20.01 -7.26
N ALA A 260 -1.51 19.47 -6.56
CA ALA A 260 -2.57 20.30 -5.99
C ALA A 260 -2.00 21.35 -5.04
N SER A 261 -0.85 21.09 -4.42
CA SER A 261 -0.25 22.04 -3.49
C SER A 261 0.44 23.21 -4.18
N LEU A 262 0.60 23.15 -5.50
CA LEU A 262 1.31 24.16 -6.27
C LEU A 262 0.33 24.84 -7.20
N PRO A 263 -0.11 26.06 -6.91
CA PRO A 263 -1.07 26.74 -7.81
C PRO A 263 -0.53 26.91 -9.22
N GLN A 264 0.76 27.16 -9.35
CA GLN A 264 1.46 27.14 -10.62
C GLN A 264 2.43 25.96 -10.63
N PRO A 265 2.50 25.16 -11.70
CA PRO A 265 3.46 24.04 -11.72
C PRO A 265 4.88 24.51 -11.45
N GLY A 266 5.65 23.65 -10.79
CA GLY A 266 7.02 23.96 -10.46
C GLY A 266 7.98 23.47 -11.53
N LEU A 267 8.97 24.31 -11.86
CA LEU A 267 10.06 23.94 -12.76
C LEU A 267 11.36 23.89 -11.98
N TYR A 268 12.17 22.86 -12.22
CA TYR A 268 13.40 22.63 -11.49
C TYR A 268 14.52 22.27 -12.45
N SER A 269 15.71 22.83 -12.19
CA SER A 269 16.91 22.55 -12.96
C SER A 269 17.93 21.79 -12.10
N TRP A 270 18.83 21.08 -12.77
CA TRP A 270 19.89 20.37 -12.07
C TRP A 270 20.88 21.38 -11.46
N ASP B 1 3.82 -16.83 -8.05
CA ASP B 1 4.77 -16.08 -7.25
C ASP B 1 5.30 -14.88 -8.04
N LEU B 2 5.52 -13.77 -7.34
CA LEU B 2 5.95 -12.53 -7.94
C LEU B 2 7.10 -11.98 -7.13
N THR B 3 8.21 -11.63 -7.80
CA THR B 3 9.35 -11.09 -7.09
C THR B 3 9.05 -9.67 -6.59
N PRO B 4 9.63 -9.27 -5.46
CA PRO B 4 9.41 -7.91 -4.97
C PRO B 4 10.08 -6.88 -5.88
N LYS B 5 9.39 -5.77 -6.07
CA LYS B 5 9.94 -4.61 -6.74
C LYS B 5 10.26 -3.59 -5.65
N VAL B 6 11.51 -3.16 -5.55
CA VAL B 6 12.02 -2.49 -4.36
C VAL B 6 12.52 -1.11 -4.72
N GLN B 7 12.20 -0.11 -3.89
CA GLN B 7 12.77 1.22 -4.05
C GLN B 7 13.31 1.72 -2.72
N VAL B 8 14.43 2.41 -2.77
CA VAL B 8 15.10 2.95 -1.58
C VAL B 8 15.22 4.45 -1.78
N TYR B 9 14.82 5.21 -0.76
CA TYR B 9 14.70 6.65 -0.89
C TYR B 9 14.58 7.24 0.50
N SER B 10 14.94 8.53 0.63
CA SER B 10 14.81 9.21 1.91
C SER B 10 13.58 10.10 1.94
N ARG B 11 13.11 10.38 3.16
CA ARG B 11 11.90 11.19 3.34
C ARG B 11 12.07 12.57 2.73
N PHE B 12 13.21 13.20 3.01
CA PHE B 12 13.61 14.51 2.52
C PHE B 12 14.81 14.40 1.60
N PRO B 13 14.94 15.30 0.63
CA PRO B 13 16.20 15.42 -0.11
C PRO B 13 17.35 15.58 0.89
N ALA B 14 18.34 14.72 0.78
CA ALA B 14 19.31 14.54 1.83
C ALA B 14 20.46 15.54 1.76
N SER B 15 21.06 15.81 2.91
CA SER B 15 22.31 16.54 3.01
C SER B 15 23.05 16.01 4.24
N ALA B 16 24.38 15.96 4.15
CA ALA B 16 25.18 15.38 5.23
C ALA B 16 24.91 16.11 6.53
N GLY B 17 24.68 15.35 7.60
CA GLY B 17 24.47 15.91 8.91
C GLY B 17 23.05 16.35 9.23
N THR B 18 22.13 16.24 8.27
CA THR B 18 20.75 16.71 8.46
C THR B 18 19.84 15.52 8.75
N LYS B 19 19.05 15.65 9.81
CA LYS B 19 18.17 14.54 10.21
C LYS B 19 17.20 14.21 9.09
N ASN B 20 16.96 12.91 8.91
CA ASN B 20 16.19 12.42 7.77
C ASN B 20 15.54 11.09 8.17
N VAL B 21 14.91 10.43 7.21
CA VAL B 21 14.34 9.10 7.39
C VAL B 21 14.68 8.31 6.14
N LEU B 22 15.17 7.10 6.32
CA LEU B 22 15.47 6.21 5.20
C LEU B 22 14.33 5.23 4.99
N ASN B 23 13.84 5.14 3.76
CA ASN B 23 12.69 4.30 3.41
C ASN B 23 13.11 3.19 2.46
N CYS B 24 12.54 2.01 2.66
CA CYS B 24 12.65 0.93 1.70
C CYS B 24 11.25 0.38 1.47
N PHE B 25 10.79 0.43 0.23
CA PHE B 25 9.42 0.03 -0.10
C PHE B 25 9.48 -1.15 -1.06
N ALA B 26 8.92 -2.28 -0.64
CA ALA B 26 8.82 -3.46 -1.49
C ALA B 26 7.37 -3.66 -1.88
N ALA B 27 7.11 -3.95 -3.16
CA ALA B 27 5.73 -4.09 -3.61
C ALA B 27 5.63 -5.17 -4.69
N GLY B 28 4.38 -5.51 -5.01
CA GLY B 28 4.11 -6.41 -6.11
C GLY B 28 4.46 -7.87 -5.90
N PHE B 29 4.67 -8.31 -4.66
CA PHE B 29 5.20 -9.65 -4.43
C PHE B 29 4.14 -10.60 -3.88
N HIS B 30 4.45 -11.90 -4.00
CA HIS B 30 3.66 -12.99 -3.47
C HIS B 30 4.58 -14.20 -3.42
N PRO B 31 4.59 -14.98 -2.33
CA PRO B 31 3.77 -14.89 -1.11
C PRO B 31 4.16 -13.71 -0.21
N PRO B 32 3.36 -13.46 0.84
CA PRO B 32 3.60 -12.25 1.64
C PRO B 32 4.81 -12.31 2.56
N LYS B 33 5.31 -13.50 2.93
CA LYS B 33 6.47 -13.58 3.81
C LYS B 33 7.68 -12.95 3.13
N ILE B 34 8.33 -12.00 3.81
CA ILE B 34 9.44 -11.27 3.23
C ILE B 34 10.31 -10.70 4.34
N SER B 35 11.62 -10.60 4.08
CA SER B 35 12.55 -9.92 4.97
C SER B 35 13.08 -8.68 4.27
N ILE B 36 12.98 -7.53 4.95
CA ILE B 36 13.37 -6.24 4.42
C ILE B 36 14.18 -5.56 5.52
N THR B 37 15.47 -5.32 5.28
CA THR B 37 16.35 -4.81 6.32
C THR B 37 17.12 -3.59 5.84
N LEU B 38 16.97 -2.49 6.55
CA LEU B 38 17.77 -1.30 6.26
C LEU B 38 19.16 -1.48 6.84
N MET B 39 20.17 -1.08 6.06
CA MET B 39 21.57 -1.31 6.41
C MET B 39 22.37 -0.01 6.32
N LYS B 40 23.32 0.14 7.24
CA LYS B 40 24.31 1.21 7.15
C LYS B 40 25.68 0.55 7.25
N ASP B 41 26.52 0.78 6.24
CA ASP B 41 27.90 0.26 6.27
C ASP B 41 27.92 -1.24 6.52
N GLY B 42 26.97 -1.97 5.93
CA GLY B 42 26.93 -3.41 6.05
C GLY B 42 26.29 -3.94 7.31
N VAL B 43 25.80 -3.07 8.18
CA VAL B 43 25.26 -3.45 9.49
C VAL B 43 23.80 -3.02 9.56
N PRO B 44 22.88 -3.83 10.07
CA PRO B 44 21.47 -3.40 10.16
C PRO B 44 21.32 -2.10 10.93
N MET B 45 20.54 -1.18 10.36
CA MET B 45 20.30 0.12 10.99
C MET B 45 19.33 0.00 12.15
N GLU B 46 19.61 0.76 13.20
CA GLU B 46 18.75 0.78 14.38
C GLU B 46 17.47 1.59 14.12
N GLY B 47 16.41 1.26 14.86
CA GLY B 47 15.23 2.09 14.87
C GLY B 47 14.21 1.84 13.77
N ALA B 48 14.31 0.70 13.07
CA ALA B 48 13.45 0.47 11.91
C ALA B 48 12.02 0.13 12.32
N GLN B 49 11.06 0.67 11.55
CA GLN B 49 9.63 0.42 11.71
C GLN B 49 9.10 -0.27 10.45
N TYR B 50 8.17 -1.21 10.64
CA TYR B 50 7.67 -2.08 9.59
C TYR B 50 6.16 -1.89 9.46
N SER B 51 5.66 -1.66 8.24
CA SER B 51 4.22 -1.55 8.06
C SER B 51 3.54 -2.90 8.21
N ASP B 52 2.31 -2.89 8.72
CA ASP B 52 1.58 -4.15 8.82
C ASP B 52 1.21 -4.65 7.42
N MET B 53 1.19 -5.98 7.26
CA MET B 53 1.00 -6.59 5.96
C MET B 53 -0.26 -6.07 5.27
N SER B 54 -0.11 -5.68 4.01
CA SER B 54 -1.17 -5.05 3.24
C SER B 54 -0.97 -5.40 1.78
N PHE B 55 -1.95 -5.04 0.94
CA PHE B 55 -1.80 -5.37 -0.47
C PHE B 55 -2.57 -4.38 -1.33
N ASN B 56 -2.23 -4.38 -2.61
CA ASN B 56 -2.79 -3.44 -3.57
C ASN B 56 -4.06 -4.01 -4.19
N ASP B 57 -4.66 -3.20 -5.07
CA ASP B 57 -5.87 -3.58 -5.79
C ASP B 57 -5.72 -4.89 -6.55
N ASP B 58 -4.51 -5.20 -7.02
CA ASP B 58 -4.26 -6.42 -7.79
C ASP B 58 -3.86 -7.61 -6.92
N TRP B 59 -4.05 -7.52 -5.60
CA TRP B 59 -3.80 -8.54 -4.59
C TRP B 59 -2.32 -8.68 -4.24
N THR B 60 -1.39 -8.04 -4.95
CA THR B 60 0.02 -8.20 -4.63
C THR B 60 0.36 -7.46 -3.33
N PHE B 61 1.26 -8.04 -2.56
CA PHE B 61 1.59 -7.56 -1.22
C PHE B 61 2.66 -6.47 -1.28
N GLN B 62 2.72 -5.66 -0.23
CA GLN B 62 3.66 -4.55 -0.14
C GLN B 62 3.99 -4.23 1.31
N ARG B 63 5.15 -3.65 1.53
CA ARG B 63 5.58 -3.28 2.88
C ARG B 63 6.55 -2.11 2.79
N LEU B 64 6.34 -1.13 3.67
CA LEU B 64 7.28 -0.03 3.87
C LEU B 64 8.07 -0.26 5.15
N VAL B 65 9.39 -0.11 5.07
CA VAL B 65 10.27 -0.12 6.23
C VAL B 65 10.95 1.23 6.28
N HIS B 66 10.99 1.84 7.46
CA HIS B 66 11.63 3.15 7.54
C HIS B 66 12.33 3.29 8.88
N ALA B 67 13.41 4.08 8.88
CA ALA B 67 14.15 4.35 10.11
C ALA B 67 14.71 5.77 10.08
N ASP B 68 14.61 6.45 11.22
CA ASP B 68 15.26 7.75 11.35
C ASP B 68 16.76 7.61 11.16
N PHE B 69 17.37 8.54 10.43
CA PHE B 69 18.84 8.51 10.33
C PHE B 69 19.36 9.88 9.95
N THR B 70 20.65 10.07 10.17
CA THR B 70 21.32 11.29 9.77
C THR B 70 22.45 10.91 8.82
N PRO B 71 22.30 11.16 7.51
CA PRO B 71 23.26 10.63 6.56
C PRO B 71 24.64 11.23 6.77
N SER B 72 25.66 10.41 6.55
CA SER B 72 27.06 10.81 6.69
C SER B 72 27.78 10.49 5.39
N SER B 73 28.61 11.41 4.91
CA SER B 73 29.40 11.08 3.74
C SER B 73 30.43 10.01 4.13
N GLY B 74 30.82 9.19 3.17
CA GLY B 74 31.66 8.06 3.55
C GLY B 74 30.99 7.03 4.45
N SER B 75 29.66 7.06 4.55
CA SER B 75 28.88 5.88 4.89
C SER B 75 28.04 5.52 3.67
N THR B 76 27.69 4.23 3.56
CA THR B 76 26.80 3.75 2.52
C THR B 76 25.55 3.18 3.17
N TYR B 77 24.41 3.32 2.49
CA TYR B 77 23.15 2.85 3.01
C TYR B 77 22.44 1.98 1.97
N ALA B 78 21.71 0.98 2.45
CA ALA B 78 21.12 0.02 1.52
C ALA B 78 19.93 -0.66 2.18
N CYS B 79 19.16 -1.37 1.35
CA CYS B 79 18.05 -2.19 1.81
C CYS B 79 18.27 -3.60 1.28
N LYS B 80 18.26 -4.57 2.20
CA LYS B 80 18.54 -5.96 1.89
C LYS B 80 17.24 -6.72 1.96
N VAL B 81 16.89 -7.42 0.89
CA VAL B 81 15.57 -8.06 0.77
C VAL B 81 15.76 -9.55 0.53
N GLU B 82 15.04 -10.37 1.30
CA GLU B 82 15.00 -11.81 1.10
C GLU B 82 13.56 -12.23 0.87
N HIS B 83 13.35 -13.07 -0.14
CA HIS B 83 12.02 -13.53 -0.51
C HIS B 83 12.20 -14.88 -1.19
N GLU B 84 11.18 -15.73 -1.13
CA GLU B 84 11.40 -17.08 -1.67
C GLU B 84 11.51 -17.09 -3.19
N THR B 85 11.09 -16.04 -3.88
CA THR B 85 11.33 -15.95 -5.31
C THR B 85 12.78 -15.59 -5.65
N LEU B 86 13.61 -15.29 -4.65
CA LEU B 86 14.99 -14.88 -4.86
C LEU B 86 15.92 -15.98 -4.37
N LYS B 87 16.99 -16.22 -5.12
CA LYS B 87 17.92 -17.27 -4.70
C LYS B 87 18.98 -16.78 -3.71
N GLU B 88 19.11 -15.47 -3.55
CA GLU B 88 20.04 -14.90 -2.59
C GLU B 88 19.52 -13.52 -2.21
N PRO B 89 19.96 -12.96 -1.09
CA PRO B 89 19.50 -11.62 -0.72
C PRO B 89 19.85 -10.60 -1.80
N GLN B 90 18.92 -9.70 -2.08
CA GLN B 90 19.13 -8.62 -3.04
C GLN B 90 19.38 -7.34 -2.27
N VAL B 91 20.45 -6.63 -2.62
CA VAL B 91 20.83 -5.42 -1.89
C VAL B 91 20.59 -4.23 -2.81
N TYR B 92 19.78 -3.29 -2.37
CA TYR B 92 19.45 -2.09 -3.12
C TYR B 92 20.10 -0.90 -2.44
N LYS B 93 21.02 -0.25 -3.14
CA LYS B 93 21.76 0.85 -2.54
C LYS B 93 20.96 2.15 -2.61
N TRP B 94 21.06 2.94 -1.55
CA TRP B 94 20.48 4.27 -1.54
C TRP B 94 21.42 5.25 -2.23
N ASP B 95 20.90 6.04 -3.17
CA ASP B 95 21.67 7.15 -3.73
C ASP B 95 21.43 8.40 -2.89
N PRO B 96 22.45 8.93 -2.21
CA PRO B 96 22.22 10.12 -1.38
C PRO B 96 21.83 11.35 -2.17
N GLU B 97 22.23 11.43 -3.44
CA GLU B 97 21.98 12.60 -4.29
C GLU B 97 22.54 13.87 -3.67
N PHE B 98 23.67 13.75 -2.98
CA PHE B 98 24.47 14.92 -2.60
C PHE B 98 25.95 14.53 -2.65
N ILE C 1 -17.33 1.36 9.81
CA ILE C 1 -17.13 0.18 10.64
C ILE C 1 -16.99 -1.09 9.79
N ARG C 2 -16.30 -2.08 10.35
CA ARG C 2 -16.17 -3.37 9.68
C ARG C 2 -17.51 -4.08 9.62
N HIS C 3 -17.65 -4.95 8.62
CA HIS C 3 -18.88 -5.70 8.40
C HIS C 3 -18.83 -6.99 9.21
N GLU C 4 -19.70 -7.10 10.22
CA GLU C 4 -19.77 -8.36 10.97
C GLU C 4 -20.65 -9.32 10.19
N ASN C 5 -20.04 -10.37 9.64
CA ASN C 5 -20.76 -11.30 8.81
C ASN C 5 -20.29 -12.70 9.14
N ARG C 6 -21.04 -13.69 8.67
CA ARG C 6 -20.74 -15.09 8.91
C ARG C 6 -20.64 -15.86 7.60
N MET C 7 -20.11 -15.22 6.57
CA MET C 7 -19.88 -15.91 5.30
C MET C 7 -18.60 -16.73 5.41
N VAL C 8 -18.75 -18.05 5.41
CA VAL C 8 -17.65 -19.02 5.46
C VAL C 8 -17.45 -19.60 4.07
N LEU C 9 -16.19 -19.82 3.68
CA LEU C 9 -15.87 -20.32 2.35
C LEU C 9 -16.35 -21.75 2.14
#